data_8DDE
#
_entry.id   8DDE
#
_cell.length_a   75.979
_cell.length_b   75.979
_cell.length_c   121.005
_cell.angle_alpha   90.000
_cell.angle_beta   90.000
_cell.angle_gamma   120.000
#
_symmetry.space_group_name_H-M   'P 62 2 2'
#
loop_
_entity.id
_entity.type
_entity.pdbx_description
1 polymer 'Polymerase acidic protein'
2 non-polymer (2M)-6-bromo-3-hydroxy-2-(1H-tetrazol-5-yl)pyridin-4(1H)-one
3 non-polymer 'MANGANESE (II) ION'
4 water water
#
_entity_poly.entity_id   1
_entity_poly.type   'polypeptide(L)'
_entity_poly.pdbx_seq_one_letter_code
;MGSGSAMEDFVRQCFNPMIVELAEKAMKEYGEDPKIETNKFAAICTHLEVCFMYSDFGSGDPNALLEHRFEIIEGRDRIM
AWTVVNSICNTTGVEKPKFLPDLYDYKENRFIEIGVTRREVHIYYLEKANKIKSEKTHIHIFSFTGEEMATKADYTLDEE
SRARIKTRLFTIRQEMASRSLWDSFRQSERGE
;
_entity_poly.pdbx_strand_id   A
#
# COMPACT_ATOMS: atom_id res chain seq x y z
N SER A 5 -11.01 19.15 11.21
CA SER A 5 -11.04 18.08 10.21
C SER A 5 -10.21 18.47 8.99
N ALA A 6 -10.89 18.80 7.89
CA ALA A 6 -10.24 19.16 6.62
C ALA A 6 -9.60 17.93 6.00
N MET A 7 -8.55 17.41 6.64
CA MET A 7 -7.96 16.15 6.21
C MET A 7 -9.00 15.03 6.24
N GLU A 8 -9.79 14.98 7.30
CA GLU A 8 -10.86 13.98 7.37
C GLU A 8 -11.89 14.18 6.26
N ASP A 9 -12.34 15.42 6.04
CA ASP A 9 -13.23 15.70 4.92
C ASP A 9 -12.63 15.23 3.60
N PHE A 10 -11.39 15.59 3.32
CA PHE A 10 -10.78 15.16 2.07
C PHE A 10 -10.75 13.63 1.95
N VAL A 11 -10.36 12.94 3.03
CA VAL A 11 -10.32 11.48 3.00
C VAL A 11 -11.69 10.92 2.66
N ARG A 12 -12.74 11.48 3.26
CA ARG A 12 -14.07 10.94 2.98
C ARG A 12 -14.54 11.29 1.58
N GLN A 13 -13.97 12.32 0.98
CA GLN A 13 -14.44 12.68 -0.36
C GLN A 13 -13.67 11.98 -1.47
N CYS A 14 -12.41 11.62 -1.26
CA CYS A 14 -11.58 11.11 -2.34
CA CYS A 14 -11.56 11.09 -2.32
C CYS A 14 -11.39 9.59 -2.30
N PHE A 15 -11.75 8.91 -1.22
CA PHE A 15 -11.58 7.47 -1.16
C PHE A 15 -12.95 6.81 -1.07
N ASN A 16 -13.09 5.64 -1.68
CA ASN A 16 -14.41 5.06 -1.68
C ASN A 16 -14.74 4.53 -0.28
N PRO A 17 -16.02 4.44 0.06
CA PRO A 17 -16.40 4.13 1.45
C PRO A 17 -15.80 2.85 1.98
N MET A 18 -15.70 1.81 1.14
CA MET A 18 -15.12 0.56 1.59
C MET A 18 -13.69 0.76 2.10
N ILE A 19 -12.91 1.56 1.39
CA ILE A 19 -11.53 1.81 1.81
C ILE A 19 -11.51 2.58 3.12
N VAL A 20 -12.33 3.63 3.20
CA VAL A 20 -12.42 4.44 4.41
C VAL A 20 -12.75 3.56 5.61
N GLU A 21 -13.75 2.69 5.47
CA GLU A 21 -14.11 1.78 6.55
C GLU A 21 -12.93 0.88 6.93
N LEU A 22 -12.28 0.26 5.95
CA LEU A 22 -11.12 -0.57 6.27
C LEU A 22 -10.05 0.24 7.02
N ALA A 23 -9.84 1.50 6.61
CA ALA A 23 -8.78 2.29 7.24
C ALA A 23 -9.14 2.64 8.67
N GLU A 24 -10.40 3.03 8.88
CA GLU A 24 -10.88 3.32 10.21
C GLU A 24 -10.79 2.10 11.11
N LYS A 25 -11.11 0.92 10.58
CA LYS A 25 -10.98 -0.30 11.37
C LYS A 25 -9.52 -0.54 11.76
N ALA A 26 -8.62 -0.36 10.80
CA ALA A 26 -7.20 -0.56 11.10
C ALA A 26 -6.76 0.37 12.23
N MET A 27 -7.22 1.62 12.18
CA MET A 27 -6.83 2.61 13.18
C MET A 27 -7.52 2.39 14.53
N LYS A 28 -8.77 1.91 14.54
CA LYS A 28 -9.42 1.59 15.80
C LYS A 28 -8.77 0.38 16.47
N GLU A 29 -8.19 -0.52 15.68
CA GLU A 29 -7.38 -1.60 16.26
C GLU A 29 -6.10 -1.05 16.86
N TYR A 30 -5.37 -0.22 16.10
CA TYR A 30 -4.13 0.34 16.65
C TYR A 30 -4.37 1.24 17.87
N GLY A 31 -5.59 1.67 18.13
CA GLY A 31 -5.87 2.61 19.19
C GLY A 31 -5.81 4.07 18.77
N GLU A 32 -5.66 4.36 17.49
CA GLU A 32 -5.48 5.70 17.00
C GLU A 32 -6.79 6.29 16.49
N ASP A 33 -6.96 7.59 16.71
CA ASP A 33 -8.17 8.31 16.32
C ASP A 33 -7.96 8.95 14.96
N PRO A 34 -8.76 8.61 13.95
CA PRO A 34 -8.58 9.21 12.63
C PRO A 34 -8.87 10.70 12.61
N LYS A 35 -9.60 11.22 13.60
CA LYS A 35 -9.78 12.66 13.66
C LYS A 35 -8.56 13.38 14.21
N ILE A 36 -7.63 12.66 14.85
CA ILE A 36 -6.43 13.25 15.45
C ILE A 36 -5.21 12.95 14.59
N GLU A 37 -4.98 11.67 14.31
CA GLU A 37 -3.88 11.22 13.47
C GLU A 37 -4.30 11.28 12.01
N THR A 38 -4.56 12.51 11.53
CA THR A 38 -5.19 12.63 10.23
C THR A 38 -4.26 12.19 9.11
N ASN A 39 -2.95 12.43 9.26
CA ASN A 39 -2.02 12.09 8.19
C ASN A 39 -1.85 10.59 8.06
N LYS A 40 -1.72 9.86 9.18
CA LYS A 40 -1.79 8.41 9.16
C LYS A 40 -3.04 7.91 8.44
N PHE A 41 -4.20 8.48 8.77
CA PHE A 41 -5.47 8.12 8.14
C PHE A 41 -5.36 8.17 6.63
N ALA A 42 -4.89 9.31 6.12
CA ALA A 42 -4.77 9.46 4.67
C ALA A 42 -3.75 8.46 4.10
N ALA A 43 -2.64 8.24 4.81
CA ALA A 43 -1.64 7.32 4.28
C ALA A 43 -2.19 5.91 4.24
N ILE A 44 -2.97 5.52 5.25
CA ILE A 44 -3.54 4.18 5.22
C ILE A 44 -4.49 4.03 4.03
N CYS A 45 -5.37 5.02 3.83
CA CYS A 45 -6.30 4.91 2.70
C CYS A 45 -5.54 4.79 1.40
N THR A 46 -4.51 5.62 1.23
CA THR A 46 -3.76 5.62 -0.02
C THR A 46 -3.10 4.27 -0.25
N HIS A 47 -2.46 3.72 0.78
CA HIS A 47 -1.81 2.42 0.65
C HIS A 47 -2.85 1.32 0.37
N LEU A 48 -3.99 1.37 1.05
CA LEU A 48 -5.02 0.37 0.76
C LEU A 48 -5.42 0.44 -0.70
N GLU A 49 -5.60 1.66 -1.20
CA GLU A 49 -6.10 1.83 -2.56
C GLU A 49 -5.05 1.40 -3.58
N VAL A 50 -3.77 1.66 -3.32
CA VAL A 50 -2.76 1.16 -4.25
C VAL A 50 -2.82 -0.36 -4.29
N CYS A 51 -2.92 -1.00 -3.14
CA CYS A 51 -2.96 -2.47 -3.13
C CYS A 51 -4.15 -2.99 -3.92
N PHE A 52 -5.31 -2.35 -3.77
CA PHE A 52 -6.48 -2.83 -4.49
C PHE A 52 -6.34 -2.58 -5.98
N MET A 53 -5.77 -1.44 -6.37
CA MET A 53 -5.59 -1.18 -7.79
C MET A 53 -4.61 -2.17 -8.39
N TYR A 54 -3.54 -2.44 -7.65
CA TYR A 54 -2.51 -3.39 -8.08
C TYR A 54 -3.13 -4.73 -8.39
N SER A 55 -3.81 -5.30 -7.38
CA SER A 55 -4.54 -6.55 -7.56
C SER A 55 -5.51 -6.47 -8.75
N ASP A 56 -6.28 -5.40 -8.84
CA ASP A 56 -7.29 -5.36 -9.87
C ASP A 56 -6.69 -5.34 -11.27
N PHE A 57 -5.40 -5.01 -11.39
CA PHE A 57 -4.72 -5.02 -12.68
C PHE A 57 -4.25 -6.43 -13.07
N GLY A 58 -4.96 -7.46 -12.62
CA GLY A 58 -4.66 -8.84 -12.98
C GLY A 58 -5.86 -9.70 -13.33
N GLU A 67 -5.05 -13.34 -15.07
CA GLU A 67 -6.28 -14.13 -15.03
C GLU A 67 -6.62 -14.49 -13.59
N HIS A 68 -6.83 -13.45 -12.77
CA HIS A 68 -6.84 -13.58 -11.31
C HIS A 68 -5.40 -13.80 -10.84
N ARG A 69 -4.53 -12.81 -11.09
CA ARG A 69 -3.11 -12.99 -10.89
C ARG A 69 -2.70 -12.75 -9.44
N PHE A 70 -3.36 -11.84 -8.75
CA PHE A 70 -3.00 -11.46 -7.40
C PHE A 70 -4.05 -11.86 -6.38
N GLU A 71 -3.58 -12.30 -5.24
CA GLU A 71 -4.37 -12.48 -4.04
C GLU A 71 -4.07 -11.29 -3.15
N ILE A 72 -5.10 -10.63 -2.64
CA ILE A 72 -4.90 -9.47 -1.76
C ILE A 72 -4.79 -9.99 -0.34
N ILE A 73 -3.66 -9.72 0.30
CA ILE A 73 -3.55 -10.02 1.72
C ILE A 73 -3.87 -8.80 2.56
N GLU A 74 -3.46 -7.63 2.10
CA GLU A 74 -3.70 -6.40 2.82
C GLU A 74 -5.19 -6.09 2.83
N GLY A 75 -5.65 -5.40 3.89
CA GLY A 75 -7.05 -5.09 4.03
C GLY A 75 -7.88 -6.14 4.74
N ARG A 76 -7.34 -7.32 5.03
CA ARG A 76 -8.07 -8.33 5.78
C ARG A 76 -7.73 -8.26 7.26
N ASP A 77 -8.63 -8.78 8.09
CA ASP A 77 -8.24 -9.05 9.48
C ASP A 77 -6.98 -9.90 9.52
N ARG A 78 -6.19 -9.72 10.58
CA ARG A 78 -4.93 -10.48 10.73
C ARG A 78 -5.18 -11.99 10.73
N ILE A 79 -6.23 -12.45 11.42
CA ILE A 79 -6.59 -13.87 11.38
C ILE A 79 -6.72 -14.33 9.95
N MET A 80 -7.48 -13.58 9.17
CA MET A 80 -7.81 -14.06 7.84
C MET A 80 -6.65 -13.83 6.89
N ALA A 81 -5.89 -12.76 7.08
CA ALA A 81 -4.67 -12.56 6.30
C ALA A 81 -3.70 -13.71 6.48
N TRP A 82 -3.48 -14.12 7.73
CA TRP A 82 -2.57 -15.23 7.96
C TRP A 82 -3.16 -16.54 7.44
N THR A 83 -4.48 -16.73 7.55
CA THR A 83 -5.09 -17.90 6.94
C THR A 83 -4.79 -17.96 5.44
N VAL A 84 -4.93 -16.84 4.74
CA VAL A 84 -4.61 -16.83 3.32
C VAL A 84 -3.12 -17.13 3.08
N VAL A 85 -2.23 -16.50 3.87
CA VAL A 85 -0.80 -16.73 3.69
C VAL A 85 -0.48 -18.21 3.85
N ASN A 86 -1.04 -18.81 4.89
CA ASN A 86 -0.77 -20.24 5.18
C ASN A 86 -1.29 -21.10 4.03
N SER A 87 -2.49 -20.82 3.53
CA SER A 87 -3.03 -21.60 2.42
C SER A 87 -2.08 -21.56 1.22
N ILE A 88 -1.61 -20.36 0.88
CA ILE A 88 -0.70 -20.23 -0.25
C ILE A 88 0.57 -21.04 -0.02
N CYS A 89 1.17 -20.91 1.17
CA CYS A 89 2.39 -21.65 1.46
C CYS A 89 2.18 -23.16 1.35
N ASN A 90 1.10 -23.69 1.96
CA ASN A 90 0.88 -25.13 1.93
C ASN A 90 0.65 -25.63 0.50
N THR A 91 0.09 -24.80 -0.38
CA THR A 91 -0.14 -25.25 -1.75
C THR A 91 0.97 -24.88 -2.73
N THR A 92 1.99 -24.14 -2.31
CA THR A 92 3.13 -23.88 -3.20
C THR A 92 4.48 -24.26 -2.61
N GLY A 93 4.60 -24.41 -1.29
CA GLY A 93 5.87 -24.59 -0.65
C GLY A 93 6.65 -23.31 -0.46
N VAL A 94 6.25 -22.22 -1.12
CA VAL A 94 6.84 -20.91 -0.90
C VAL A 94 7.08 -20.72 0.60
N GLU A 95 8.30 -20.30 0.95
CA GLU A 95 8.59 -19.99 2.35
C GLU A 95 7.54 -19.05 2.91
N LYS A 96 7.09 -19.34 4.13
CA LYS A 96 6.16 -18.48 4.84
C LYS A 96 6.85 -17.19 5.26
N PRO A 97 6.39 -16.02 4.81
CA PRO A 97 7.02 -14.79 5.27
C PRO A 97 6.83 -14.59 6.77
N LYS A 98 7.69 -13.73 7.32
CA LYS A 98 7.70 -13.37 8.73
C LYS A 98 6.75 -12.23 9.04
N PHE A 99 6.61 -11.27 8.14
CA PHE A 99 5.67 -10.16 8.25
C PHE A 99 4.62 -10.34 7.18
N LEU A 100 3.38 -9.96 7.50
CA LEU A 100 2.32 -10.03 6.51
C LEU A 100 2.71 -9.20 5.30
N PRO A 101 2.75 -9.79 4.12
CA PRO A 101 2.97 -9.00 2.90
C PRO A 101 1.66 -8.41 2.42
N ASP A 102 1.63 -7.80 1.23
CA ASP A 102 0.41 -7.14 0.75
C ASP A 102 -0.33 -7.91 -0.32
N LEU A 103 0.36 -8.66 -1.17
CA LEU A 103 -0.32 -9.42 -2.22
C LEU A 103 0.50 -10.69 -2.45
N TYR A 104 -0.15 -11.70 -3.03
CA TYR A 104 0.57 -12.83 -3.60
C TYR A 104 0.39 -12.81 -5.11
N ASP A 105 1.48 -13.11 -5.83
CA ASP A 105 1.54 -13.11 -7.29
C ASP A 105 1.61 -14.57 -7.72
N TYR A 106 0.47 -15.07 -8.24
CA TYR A 106 0.38 -16.47 -8.66
C TYR A 106 1.11 -16.70 -9.98
N LYS A 107 1.19 -15.68 -10.84
CA LYS A 107 1.94 -15.81 -12.08
C LYS A 107 3.42 -16.02 -11.81
N GLU A 108 4.00 -15.18 -10.96
CA GLU A 108 5.40 -15.28 -10.56
C GLU A 108 5.63 -16.14 -9.32
N ASN A 109 4.58 -16.43 -8.56
CA ASN A 109 4.72 -17.27 -7.37
C ASN A 109 5.61 -16.60 -6.32
N ARG A 110 5.21 -15.40 -5.93
CA ARG A 110 5.98 -14.70 -4.90
C ARG A 110 5.07 -13.73 -4.21
N PHE A 111 5.32 -13.51 -2.93
CA PHE A 111 4.64 -12.46 -2.21
C PHE A 111 5.20 -11.11 -2.60
N ILE A 112 4.37 -10.09 -2.43
CA ILE A 112 4.71 -8.71 -2.77
C ILE A 112 4.40 -7.83 -1.57
N GLU A 113 5.35 -6.96 -1.25
CA GLU A 113 5.23 -5.89 -0.29
C GLU A 113 5.15 -4.60 -1.07
N ILE A 114 4.07 -3.86 -0.90
CA ILE A 114 3.83 -2.60 -1.60
C ILE A 114 4.18 -1.45 -0.67
N GLY A 115 5.04 -0.55 -1.15
CA GLY A 115 5.34 0.68 -0.40
C GLY A 115 4.88 1.95 -1.12
N VAL A 116 4.28 2.86 -0.38
CA VAL A 116 3.91 4.18 -0.86
C VAL A 116 4.61 5.17 0.04
N THR A 117 5.40 6.09 -0.56
CA THR A 117 6.25 6.98 0.22
C THR A 117 6.13 8.42 -0.24
N ARG A 118 6.21 9.34 0.73
CA ARG A 118 6.37 10.77 0.45
C ARG A 118 7.83 11.19 0.31
N ARG A 119 8.78 10.27 0.51
CA ARG A 119 10.21 10.50 0.34
C ARG A 119 10.66 9.92 -1.00
N GLU A 120 11.98 9.92 -1.21
CA GLU A 120 12.58 9.29 -2.39
C GLU A 120 12.32 7.80 -2.38
N VAL A 121 12.07 7.22 -3.57
CA VAL A 121 11.72 5.80 -3.58
C VAL A 121 12.90 4.95 -3.08
N HIS A 122 14.14 5.36 -3.34
CA HIS A 122 15.27 4.50 -2.99
C HIS A 122 15.44 4.45 -1.48
N ILE A 123 15.21 5.57 -0.80
CA ILE A 123 15.30 5.59 0.67
C ILE A 123 14.32 4.60 1.26
N TYR A 124 13.06 4.71 0.85
CA TYR A 124 12.02 3.85 1.40
C TYR A 124 12.22 2.40 0.96
N TYR A 125 12.71 2.16 -0.26
CA TYR A 125 13.05 0.78 -0.63
C TYR A 125 14.07 0.20 0.34
N LEU A 126 15.14 0.93 0.58
CA LEU A 126 16.17 0.48 1.52
C LEU A 126 15.54 0.18 2.87
N GLU A 127 14.64 1.06 3.33
CA GLU A 127 14.02 0.87 4.64
C GLU A 127 13.12 -0.38 4.67
N LYS A 128 12.37 -0.64 3.59
CA LYS A 128 11.51 -1.82 3.57
C LYS A 128 12.31 -3.10 3.41
N ALA A 129 13.33 -3.11 2.55
CA ALA A 129 14.14 -4.31 2.41
C ALA A 129 14.84 -4.62 3.74
N ASN A 130 15.32 -3.59 4.42
CA ASN A 130 15.95 -3.81 5.72
C ASN A 130 14.93 -4.31 6.73
N LYS A 131 13.68 -3.83 6.69
CA LYS A 131 12.67 -4.30 7.64
C LYS A 131 12.35 -5.77 7.39
N ILE A 132 11.98 -6.12 6.17
CA ILE A 132 11.43 -7.45 5.95
C ILE A 132 12.52 -8.52 5.93
N LYS A 133 13.76 -8.14 5.60
CA LYS A 133 14.93 -9.05 5.68
C LYS A 133 14.66 -10.43 5.08
N SER A 134 13.74 -10.52 4.11
CA SER A 134 13.35 -11.80 3.49
C SER A 134 13.53 -11.73 1.99
N GLU A 135 14.49 -12.50 1.47
CA GLU A 135 14.80 -12.55 0.04
C GLU A 135 13.63 -13.07 -0.80
N LYS A 136 12.55 -13.52 -0.16
CA LYS A 136 11.45 -14.10 -0.91
C LYS A 136 10.44 -13.05 -1.34
N THR A 137 10.15 -12.07 -0.50
CA THR A 137 9.11 -11.09 -0.78
C THR A 137 9.64 -10.09 -1.82
N HIS A 138 8.98 -10.04 -2.98
CA HIS A 138 9.22 -8.95 -3.92
C HIS A 138 8.75 -7.62 -3.32
N ILE A 139 9.46 -6.54 -3.63
CA ILE A 139 9.14 -5.23 -3.08
C ILE A 139 8.88 -4.23 -4.21
N HIS A 140 7.81 -3.45 -4.07
CA HIS A 140 7.46 -2.46 -5.08
C HIS A 140 7.04 -1.17 -4.36
N ILE A 141 7.78 -0.11 -4.64
CA ILE A 141 7.66 1.19 -3.99
C ILE A 141 7.14 2.18 -5.02
N PHE A 142 6.20 3.04 -4.59
CA PHE A 142 5.67 4.14 -5.40
C PHE A 142 5.80 5.43 -4.62
N SER A 143 6.09 6.53 -5.31
CA SER A 143 6.02 7.86 -4.72
C SER A 143 4.80 8.62 -5.23
N PHE A 144 4.67 9.85 -4.80
CA PHE A 144 3.67 10.75 -5.32
C PHE A 144 4.25 11.61 -6.42
N THR A 145 5.38 11.21 -6.97
CA THR A 145 6.04 11.96 -8.03
C THR A 145 6.09 11.16 -9.33
N GLY A 146 5.47 9.99 -9.36
CA GLY A 146 5.56 9.21 -10.56
C GLY A 146 6.79 8.34 -10.59
N GLU A 147 7.48 8.18 -9.46
CA GLU A 147 8.64 7.32 -9.45
C GLU A 147 8.28 6.00 -8.81
N GLU A 148 9.00 4.97 -9.20
CA GLU A 148 8.84 3.67 -8.56
C GLU A 148 10.21 3.00 -8.44
N MET A 149 10.31 2.06 -7.50
CA MET A 149 11.47 1.20 -7.40
C MET A 149 11.00 -0.18 -6.98
N ALA A 150 11.56 -1.21 -7.58
CA ALA A 150 11.10 -2.57 -7.36
C ALA A 150 12.30 -3.52 -7.39
N THR A 151 12.25 -4.54 -6.54
CA THR A 151 13.30 -5.55 -6.50
C THR A 151 13.75 -5.91 -7.91
N LYS A 152 15.05 -5.92 -8.12
CA LYS A 152 15.66 -6.29 -9.40
C LYS A 152 15.17 -5.43 -10.56
N ALA A 153 14.51 -4.31 -10.27
CA ALA A 153 13.83 -3.57 -11.32
C ALA A 153 12.85 -4.47 -12.07
N ASP A 154 12.23 -5.39 -11.36
CA ASP A 154 11.18 -6.22 -11.92
C ASP A 154 9.87 -5.63 -11.46
N TYR A 155 9.21 -4.90 -12.34
CA TYR A 155 8.06 -4.10 -11.97
C TYR A 155 6.73 -4.87 -12.03
N THR A 156 6.73 -6.13 -12.48
CA THR A 156 5.55 -6.99 -12.44
C THR A 156 4.43 -6.54 -13.36
N LEU A 157 3.95 -5.30 -13.22
CA LEU A 157 2.81 -4.83 -13.98
C LEU A 157 3.24 -4.34 -15.37
N ASP A 158 2.25 -4.18 -16.25
CA ASP A 158 2.57 -3.52 -17.50
C ASP A 158 2.55 -2.00 -17.30
N GLU A 159 3.06 -1.28 -18.31
CA GLU A 159 3.20 0.18 -18.20
C GLU A 159 1.87 0.83 -17.86
N GLU A 160 0.79 0.43 -18.55
CA GLU A 160 -0.54 0.98 -18.33
C GLU A 160 -0.94 0.96 -16.86
N SER A 161 -0.80 -0.20 -16.22
CA SER A 161 -1.25 -0.34 -14.84
C SER A 161 -0.40 0.48 -13.89
N ARG A 162 0.92 0.44 -14.07
CA ARG A 162 1.78 1.26 -13.23
C ARG A 162 1.49 2.74 -13.45
N ALA A 163 1.22 3.13 -14.69
CA ALA A 163 0.90 4.53 -14.95
C ALA A 163 -0.39 4.93 -14.27
N ARG A 164 -1.38 4.03 -14.23
CA ARG A 164 -2.64 4.39 -13.56
C ARG A 164 -2.40 4.59 -12.06
N ILE A 165 -1.61 3.72 -11.46
CA ILE A 165 -1.27 3.92 -10.05
C ILE A 165 -0.53 5.24 -9.86
N LYS A 166 0.45 5.52 -10.73
CA LYS A 166 1.22 6.74 -10.57
C LYS A 166 0.31 7.95 -10.67
N THR A 167 -0.64 7.89 -11.61
CA THR A 167 -1.56 9.00 -11.84
C THR A 167 -2.40 9.24 -10.60
N ARG A 168 -3.01 8.18 -10.08
CA ARG A 168 -3.84 8.35 -8.90
C ARG A 168 -3.03 8.92 -7.72
N LEU A 169 -1.82 8.41 -7.50
CA LEU A 169 -1.05 8.93 -6.36
C LEU A 169 -0.78 10.43 -6.55
N PHE A 170 -0.30 10.80 -7.74
CA PHE A 170 -0.08 12.21 -8.03
C PHE A 170 -1.34 13.03 -7.82
N THR A 171 -2.48 12.51 -8.28
CA THR A 171 -3.74 13.22 -8.15
C THR A 171 -4.10 13.45 -6.70
N ILE A 172 -3.95 12.41 -5.88
CA ILE A 172 -4.15 12.55 -4.45
C ILE A 172 -3.26 13.65 -3.89
N ARG A 173 -1.99 13.63 -4.27
CA ARG A 173 -1.08 14.68 -3.82
C ARG A 173 -1.58 16.06 -4.22
N GLN A 174 -2.05 16.23 -5.45
CA GLN A 174 -2.46 17.56 -5.89
C GLN A 174 -3.78 17.95 -5.24
N GLU A 175 -4.63 16.98 -4.99
CA GLU A 175 -5.87 17.27 -4.26
C GLU A 175 -5.54 17.74 -2.84
N MET A 176 -4.61 17.06 -2.18
CA MET A 176 -4.18 17.53 -0.87
C MET A 176 -3.59 18.93 -0.97
N ALA A 177 -2.80 19.18 -2.01
CA ALA A 177 -2.11 20.46 -2.16
C ALA A 177 -3.09 21.59 -2.38
N SER A 178 -4.10 21.36 -3.22
CA SER A 178 -5.13 22.36 -3.44
C SER A 178 -5.87 22.70 -2.16
N ARG A 179 -5.97 21.74 -1.24
CA ARG A 179 -6.61 21.93 0.05
C ARG A 179 -5.64 22.37 1.14
N SER A 180 -4.37 22.60 0.81
CA SER A 180 -3.38 23.05 1.79
C SER A 180 -2.90 21.94 2.72
N LEU A 181 -3.15 20.65 2.39
CA LEU A 181 -2.80 19.54 3.25
C LEU A 181 -1.48 18.86 2.86
N TRP A 182 -0.95 19.13 1.67
CA TRP A 182 0.18 18.33 1.22
C TRP A 182 1.41 18.55 2.09
N ASP A 183 1.67 19.78 2.55
CA ASP A 183 2.92 20.00 3.26
C ASP A 183 2.97 19.24 4.59
N SER A 184 1.90 19.30 5.37
CA SER A 184 1.85 18.51 6.59
C SER A 184 2.03 17.03 6.26
N PHE A 185 1.32 16.55 5.25
CA PHE A 185 1.35 15.14 4.88
C PHE A 185 2.75 14.70 4.48
N ARG A 186 3.39 15.51 3.65
CA ARG A 186 4.74 15.19 3.18
C ARG A 186 5.72 15.17 4.34
N GLN A 187 5.63 16.12 5.25
CA GLN A 187 6.61 16.11 6.32
C GLN A 187 6.28 15.09 7.39
N SER A 188 5.17 14.38 7.26
CA SER A 188 4.67 13.59 8.38
C SER A 188 5.22 12.17 8.43
N GLU A 189 5.81 11.65 7.35
CA GLU A 189 6.51 10.35 7.46
C GLU A 189 5.76 9.32 8.30
N ARG A 190 4.46 9.52 8.47
CA ARG A 190 3.63 8.72 9.35
C ARG A 190 2.71 7.87 8.49
N GLY A 191 2.76 6.55 8.69
CA GLY A 191 2.05 5.61 7.86
C GLY A 191 2.91 4.98 6.78
N GLU A 192 3.96 5.68 6.35
CA GLU A 192 4.89 5.12 5.38
C GLU A 192 6.22 4.75 6.02
#